data_4K4D
#
_entry.id   4K4D
#
_cell.length_a   59.664
_cell.length_b   86.263
_cell.length_c   50.250
_cell.angle_alpha   90.00
_cell.angle_beta   90.00
_cell.angle_gamma   90.00
#
_symmetry.space_group_name_H-M   'P 21 21 2'
#
loop_
_entity.id
_entity.type
_entity.pdbx_description
1 polymer 'Proofreading thioesterase EntH'
2 non-polymer '2,4-dihydroxyphenacyl coenzyme A'
3 non-polymer 'MALONATE ION'
4 non-polymer 'ACETATE ION'
5 water water
#
_entity_poly.entity_id   1
_entity_poly.type   'polypeptide(L)'
_entity_poly.pdbx_seq_one_letter_code
;MIWKRHLTLDELNATSDNTMVAHLGIVYTRLGDDVLEAEMPVDTRTHQPFGLLHGGASAALAETLGSMAGFMMTRDGQCV
VGTELNATHHRPVSEGKVRGVCQPLHLGRQNQSWEIVVFDEQGRRCCTCRLGTAVLG
;
_entity_poly.pdbx_strand_id   A,B
#
# COMPACT_ATOMS: atom_id res chain seq x y z
N MET A 1 -7.08 -25.16 14.01
CA MET A 1 -6.34 -24.09 13.35
C MET A 1 -4.81 -24.22 13.50
N ILE A 2 -4.09 -23.32 12.83
CA ILE A 2 -2.63 -23.27 12.87
C ILE A 2 -2.14 -22.15 13.78
N TRP A 3 -3.03 -21.21 14.09
CA TRP A 3 -2.62 -20.00 14.80
C TRP A 3 -2.20 -20.29 16.23
N LYS A 4 -1.12 -19.63 16.67
CA LYS A 4 -0.71 -19.68 18.07
C LYS A 4 -1.73 -18.97 18.93
N ARG A 5 -2.29 -17.89 18.41
CA ARG A 5 -3.27 -17.09 19.12
C ARG A 5 -4.69 -17.43 18.70
N HIS A 6 -5.51 -17.79 19.69
CA HIS A 6 -6.92 -18.06 19.46
C HIS A 6 -7.70 -16.78 19.68
N LEU A 7 -8.04 -16.12 18.58
CA LEU A 7 -8.78 -14.87 18.62
C LEU A 7 -10.09 -15.09 17.88
N THR A 8 -10.90 -14.05 17.88
CA THR A 8 -12.17 -14.07 17.16
C THR A 8 -12.23 -12.88 16.22
N LEU A 9 -13.13 -12.97 15.25
CA LEU A 9 -13.38 -11.88 14.34
C LEU A 9 -13.57 -10.59 15.11
N ASP A 10 -14.47 -10.62 16.09
CA ASP A 10 -14.71 -9.49 16.97
C ASP A 10 -13.41 -9.01 17.63
N GLU A 11 -12.60 -9.95 18.11
CA GLU A 11 -11.32 -9.57 18.70
C GLU A 11 -10.43 -8.89 17.65
N LEU A 12 -10.42 -9.47 16.45
CA LEU A 12 -9.61 -8.97 15.33
C LEU A 12 -10.03 -7.58 14.88
N ASN A 13 -11.34 -7.43 14.62
CA ASN A 13 -11.88 -6.13 14.19
C ASN A 13 -11.80 -5.04 15.26
N ALA A 14 -11.49 -5.44 16.50
CA ALA A 14 -11.33 -4.48 17.59
C ALA A 14 -9.94 -3.81 17.53
N THR A 15 -8.95 -4.54 17.04
CA THR A 15 -7.60 -4.01 16.91
C THR A 15 -7.53 -2.87 15.89
N SER A 16 -8.48 -2.84 14.96
CA SER A 16 -8.52 -1.83 13.89
C SER A 16 -8.81 -0.43 14.37
N ASP A 17 -9.27 -0.32 15.61
CA ASP A 17 -9.70 0.95 16.18
C ASP A 17 -8.58 1.95 16.09
N ASN A 18 -8.91 3.14 15.60
CA ASN A 18 -7.97 4.25 15.49
C ASN A 18 -6.71 3.94 14.70
N THR A 19 -6.82 3.09 13.69
CA THR A 19 -5.71 2.83 12.79
C THR A 19 -6.11 3.03 11.34
N MET A 20 -5.15 2.82 10.47
CA MET A 20 -5.37 2.89 9.03
C MET A 20 -6.39 1.81 8.62
N VAL A 21 -6.44 0.72 9.38
CA VAL A 21 -7.32 -0.41 9.03
C VAL A 21 -8.77 0.05 9.05
N ALA A 22 -9.17 0.72 10.14
CA ALA A 22 -10.52 1.29 10.24
C ALA A 22 -10.74 2.43 9.25
N HIS A 23 -9.70 3.24 9.03
CA HIS A 23 -9.82 4.39 8.15
C HIS A 23 -10.16 3.99 6.70
N LEU A 24 -9.69 2.83 6.28
CA LEU A 24 -9.94 2.35 4.92
C LEU A 24 -11.20 1.51 4.86
N GLY A 25 -11.84 1.33 6.03
CA GLY A 25 -13.06 0.54 6.11
C GLY A 25 -12.84 -0.96 5.94
N ILE A 26 -11.63 -1.44 6.24
CA ILE A 26 -11.31 -2.86 6.12
C ILE A 26 -11.88 -3.64 7.29
N VAL A 27 -12.59 -4.73 7.01
CA VAL A 27 -13.09 -5.58 8.10
C VAL A 27 -12.80 -7.06 7.87
N TYR A 28 -12.23 -7.70 8.90
CA TYR A 28 -11.94 -9.13 8.83
C TYR A 28 -13.24 -9.92 8.74
N THR A 29 -13.40 -10.74 7.70
CA THR A 29 -14.67 -11.42 7.46
C THR A 29 -14.62 -12.92 7.70
N ARG A 30 -13.43 -13.49 7.63
CA ARG A 30 -13.29 -14.93 7.82
C ARG A 30 -11.99 -15.26 8.54
N LEU A 31 -12.08 -16.03 9.62
CA LEU A 31 -10.88 -16.58 10.24
C LEU A 31 -11.02 -18.08 10.22
N GLY A 32 -10.29 -18.73 9.31
CA GLY A 32 -10.34 -20.18 9.15
C GLY A 32 -9.20 -20.86 9.86
N ASP A 33 -9.11 -22.19 9.74
CA ASP A 33 -8.02 -22.94 10.35
C ASP A 33 -6.67 -22.39 9.93
N ASP A 34 -6.58 -21.97 8.67
CA ASP A 34 -5.31 -21.53 8.07
C ASP A 34 -5.55 -20.49 7.00
N VAL A 35 -6.59 -19.68 7.19
CA VAL A 35 -6.88 -18.60 6.25
C VAL A 35 -7.46 -17.43 7.01
N LEU A 36 -7.02 -16.23 6.62
CA LEU A 36 -7.60 -15.00 7.13
C LEU A 36 -8.01 -14.17 5.93
N GLU A 37 -9.16 -13.52 6.09
CA GLU A 37 -9.79 -12.79 4.99
C GLU A 37 -10.36 -11.49 5.53
N ALA A 38 -10.31 -10.43 4.71
CA ALA A 38 -10.96 -9.17 5.05
C ALA A 38 -11.53 -8.55 3.78
N GLU A 39 -12.57 -7.75 3.96
CA GLU A 39 -13.17 -7.02 2.84
C GLU A 39 -12.88 -5.52 2.98
N MET A 40 -12.85 -4.83 1.85
CA MET A 40 -12.49 -3.41 1.81
C MET A 40 -13.34 -2.71 0.75
N PRO A 41 -13.91 -1.54 1.10
CA PRO A 41 -14.67 -0.74 0.14
C PRO A 41 -13.86 -0.17 -1.04
N VAL A 42 -14.50 -0.14 -2.21
CA VAL A 42 -13.98 0.57 -3.37
C VAL A 42 -14.82 1.83 -3.56
N ASP A 43 -14.50 2.85 -2.78
CA ASP A 43 -15.19 4.13 -2.89
C ASP A 43 -14.18 5.27 -2.80
N THR A 44 -14.66 6.46 -2.43
CA THR A 44 -13.79 7.64 -2.38
C THR A 44 -12.58 7.40 -1.48
N ARG A 45 -12.76 6.56 -0.46
CA ARG A 45 -11.71 6.38 0.54
C ARG A 45 -10.51 5.64 -0.01
N THR A 46 -10.71 5.00 -1.17
CA THR A 46 -9.75 4.03 -1.66
C THR A 46 -9.59 4.19 -3.17
N HIS A 47 -10.21 5.25 -3.69
CA HIS A 47 -10.12 5.57 -5.10
C HIS A 47 -8.80 6.26 -5.44
N GLN A 48 -8.48 6.22 -6.72
CA GLN A 48 -7.47 7.07 -7.34
C GLN A 48 -8.21 8.00 -8.34
N PRO A 49 -7.53 9.06 -8.85
CA PRO A 49 -8.25 10.11 -9.59
C PRO A 49 -9.15 9.69 -10.76
N PHE A 50 -8.97 8.50 -11.33
CA PHE A 50 -9.85 8.02 -12.41
C PHE A 50 -11.08 7.25 -11.89
N GLY A 51 -11.36 7.36 -10.58
CA GLY A 51 -12.44 6.60 -9.97
C GLY A 51 -12.26 5.09 -10.00
N LEU A 52 -11.01 4.63 -10.15
CA LEU A 52 -10.71 3.21 -9.99
C LEU A 52 -10.12 2.96 -8.63
N LEU A 53 -10.11 1.71 -8.20
CA LEU A 53 -9.48 1.34 -6.94
C LEU A 53 -7.97 1.60 -6.95
N HIS A 54 -7.53 2.40 -5.99
CA HIS A 54 -6.12 2.77 -5.87
C HIS A 54 -5.26 1.53 -5.57
N GLY A 55 -4.23 1.29 -6.40
CA GLY A 55 -3.34 0.14 -6.20
C GLY A 55 -2.72 0.09 -4.80
N GLY A 56 -2.58 1.26 -4.19
CA GLY A 56 -2.03 1.36 -2.85
C GLY A 56 -3.01 0.84 -1.81
N ALA A 57 -4.29 0.91 -2.14
CA ALA A 57 -5.33 0.36 -1.25
C ALA A 57 -5.22 -1.17 -1.17
N SER A 58 -5.12 -1.81 -2.33
CA SER A 58 -4.89 -3.25 -2.40
C SER A 58 -3.64 -3.63 -1.62
N ALA A 59 -2.58 -2.83 -1.78
CA ALA A 59 -1.34 -3.05 -1.06
C ALA A 59 -1.55 -2.97 0.44
N ALA A 60 -2.29 -1.96 0.87
CA ALA A 60 -2.51 -1.77 2.30
C ALA A 60 -3.33 -2.94 2.87
N LEU A 61 -4.37 -3.35 2.15
CA LEU A 61 -5.13 -4.55 2.55
C LEU A 61 -4.22 -5.79 2.67
N ALA A 62 -3.32 -5.96 1.71
CA ALA A 62 -2.41 -7.10 1.75
C ALA A 62 -1.47 -7.06 2.95
N GLU A 63 -0.87 -5.89 3.22
CA GLU A 63 0.03 -5.77 4.35
C GLU A 63 -0.71 -5.93 5.69
N THR A 64 -1.91 -5.34 5.80
CA THR A 64 -2.80 -5.60 6.94
C THR A 64 -3.00 -7.10 7.21
N LEU A 65 -3.49 -7.83 6.22
CA LEU A 65 -3.76 -9.27 6.37
C LEU A 65 -2.52 -10.06 6.75
N GLY A 66 -1.44 -9.89 5.99
CA GLY A 66 -0.22 -10.62 6.24
C GLY A 66 0.32 -10.37 7.63
N SER A 67 0.29 -9.11 8.06
CA SER A 67 0.80 -8.75 9.37
C SER A 67 -0.03 -9.37 10.51
N MET A 68 -1.36 -9.28 10.37
CA MET A 68 -2.29 -9.81 11.35
C MET A 68 -2.13 -11.33 11.45
N ALA A 69 -2.13 -11.98 10.29
CA ALA A 69 -1.84 -13.41 10.20
C ALA A 69 -0.53 -13.78 10.89
N GLY A 70 0.49 -12.95 10.67
CA GLY A 70 1.80 -13.19 11.24
C GLY A 70 1.84 -13.03 12.75
N PHE A 71 1.13 -12.02 13.26
CA PHE A 71 0.98 -11.85 14.71
C PHE A 71 0.38 -13.11 15.33
N MET A 72 -0.70 -13.61 14.72
CA MET A 72 -1.39 -14.79 15.24
C MET A 72 -0.54 -16.08 15.26
N MET A 73 0.67 -16.02 14.71
CA MET A 73 1.61 -17.14 14.80
C MET A 73 2.69 -16.90 15.86
N THR A 74 2.55 -15.85 16.66
CA THR A 74 3.56 -15.56 17.67
C THR A 74 3.16 -15.97 19.09
N ARG A 75 4.08 -16.62 19.79
CA ARG A 75 3.94 -16.83 21.23
C ARG A 75 4.07 -15.48 21.93
N ASP A 76 3.57 -15.37 23.16
CA ASP A 76 3.59 -14.09 23.89
C ASP A 76 5.00 -13.55 24.02
N GLY A 77 5.12 -12.23 24.00
CA GLY A 77 6.43 -11.59 24.06
C GLY A 77 6.97 -11.24 22.69
N GLN A 78 7.00 -12.24 21.81
CA GLN A 78 7.44 -12.06 20.42
C GLN A 78 6.66 -10.95 19.70
N CYS A 79 7.30 -10.33 18.72
CA CYS A 79 6.63 -9.40 17.83
C CYS A 79 6.83 -9.81 16.38
N VAL A 80 5.89 -9.41 15.52
CA VAL A 80 6.00 -9.69 14.09
C VAL A 80 5.94 -8.39 13.27
N VAL A 81 6.84 -8.27 12.30
CA VAL A 81 6.90 -7.07 11.49
C VAL A 81 6.97 -7.40 9.99
N GLY A 82 6.29 -6.62 9.18
CA GLY A 82 6.34 -6.83 7.74
C GLY A 82 7.61 -6.22 7.16
N THR A 83 8.28 -6.97 6.30
CA THR A 83 9.59 -6.54 5.84
C THR A 83 9.65 -6.35 4.32
N GLU A 84 8.94 -7.20 3.59
N GLU A 84 9.01 -7.24 3.59
CA GLU A 84 9.03 -7.27 2.13
CA GLU A 84 9.01 -7.19 2.13
C GLU A 84 7.64 -7.42 1.50
C GLU A 84 7.59 -7.34 1.61
N LEU A 85 7.19 -6.40 0.78
CA LEU A 85 5.88 -6.44 0.12
C LEU A 85 6.02 -6.31 -1.38
N ASN A 86 5.38 -7.21 -2.13
CA ASN A 86 5.19 -6.98 -3.56
C ASN A 86 3.74 -7.21 -3.95
N ALA A 87 3.37 -6.70 -5.12
CA ALA A 87 1.97 -6.65 -5.52
C ALA A 87 1.88 -6.46 -7.02
N THR A 88 1.10 -7.32 -7.67
CA THR A 88 0.86 -7.16 -9.09
C THR A 88 -0.60 -6.80 -9.29
N HIS A 89 -0.87 -5.71 -10.01
CA HIS A 89 -2.24 -5.26 -10.24
C HIS A 89 -2.73 -5.75 -11.60
N HIS A 90 -3.59 -6.77 -11.59
CA HIS A 90 -4.01 -7.46 -12.83
C HIS A 90 -5.19 -6.79 -13.54
N ARG A 91 -6.13 -6.26 -12.76
CA ARG A 91 -7.44 -5.86 -13.27
C ARG A 91 -7.94 -4.68 -12.47
N PRO A 92 -8.52 -3.66 -13.13
CA PRO A 92 -9.12 -2.55 -12.37
C PRO A 92 -10.40 -2.95 -11.69
N VAL A 93 -10.75 -2.28 -10.60
CA VAL A 93 -12.06 -2.43 -9.99
C VAL A 93 -12.56 -1.02 -9.73
N SER A 94 -13.85 -0.76 -9.95
CA SER A 94 -14.38 0.59 -9.81
C SER A 94 -15.50 0.75 -8.77
N GLU A 95 -16.24 -0.32 -8.51
CA GLU A 95 -17.33 -0.24 -7.55
C GLU A 95 -17.43 -1.49 -6.67
N GLY A 96 -18.23 -1.39 -5.61
CA GLY A 96 -18.48 -2.52 -4.74
C GLY A 96 -17.36 -2.71 -3.73
N LYS A 97 -17.18 -3.96 -3.31
CA LYS A 97 -16.13 -4.31 -2.36
C LYS A 97 -15.11 -5.25 -3.01
N VAL A 98 -13.92 -5.35 -2.40
CA VAL A 98 -12.93 -6.33 -2.82
C VAL A 98 -12.63 -7.20 -1.62
N ARG A 99 -12.09 -8.38 -1.87
CA ARG A 99 -11.91 -9.34 -0.80
C ARG A 99 -10.49 -9.83 -0.84
N GLY A 100 -9.80 -9.71 0.28
CA GLY A 100 -8.42 -10.17 0.36
C GLY A 100 -8.38 -11.50 1.07
N VAL A 101 -7.72 -12.49 0.45
CA VAL A 101 -7.58 -13.79 1.07
C VAL A 101 -6.10 -14.02 1.42
N CYS A 102 -5.81 -14.23 2.70
CA CYS A 102 -4.44 -14.44 3.14
C CYS A 102 -4.18 -15.86 3.64
N GLN A 103 -3.21 -16.53 3.01
CA GLN A 103 -2.79 -17.90 3.35
C GLN A 103 -1.28 -17.98 3.49
N PRO A 104 -0.79 -18.91 4.33
CA PRO A 104 0.66 -19.02 4.52
C PRO A 104 1.35 -19.79 3.39
N LEU A 105 2.54 -19.33 3.01
CA LEU A 105 3.36 -20.01 2.03
C LEU A 105 4.48 -20.72 2.78
N HIS A 106 5.04 -20.03 3.77
CA HIS A 106 6.10 -20.59 4.58
C HIS A 106 6.09 -19.99 5.98
N LEU A 107 5.96 -20.86 6.98
CA LEU A 107 5.94 -20.40 8.37
C LEU A 107 7.20 -20.84 9.09
N GLY A 108 8.18 -19.96 9.13
CA GLY A 108 9.46 -20.25 9.76
C GLY A 108 9.56 -19.60 11.12
N ARG A 109 10.73 -19.72 11.74
CA ARG A 109 10.93 -19.27 13.12
C ARG A 109 11.32 -17.79 13.23
N GLN A 110 12.00 -17.28 12.20
CA GLN A 110 12.36 -15.86 12.19
C GLN A 110 11.85 -15.18 10.92
N ASN A 111 11.46 -15.98 9.94
CA ASN A 111 10.89 -15.43 8.72
C ASN A 111 9.61 -16.12 8.29
N GLN A 112 8.60 -15.35 7.88
CA GLN A 112 7.41 -15.94 7.28
C GLN A 112 7.09 -15.28 5.95
N SER A 113 6.38 -16.02 5.10
CA SER A 113 5.96 -15.57 3.79
C SER A 113 4.46 -15.84 3.64
N TRP A 114 3.70 -14.78 3.36
CA TRP A 114 2.26 -14.87 3.23
C TRP A 114 1.81 -14.52 1.81
N GLU A 115 0.83 -15.26 1.30
CA GLU A 115 0.18 -14.91 0.05
C GLU A 115 -1.14 -14.16 0.33
N ILE A 116 -1.36 -13.06 -0.37
CA ILE A 116 -2.66 -12.38 -0.33
C ILE A 116 -3.18 -12.14 -1.75
N VAL A 117 -4.31 -12.77 -2.05
CA VAL A 117 -4.99 -12.57 -3.32
C VAL A 117 -6.20 -11.68 -3.10
N VAL A 118 -6.38 -10.70 -3.97
CA VAL A 118 -7.47 -9.75 -3.84
C VAL A 118 -8.44 -9.96 -4.98
N PHE A 119 -9.70 -10.22 -4.64
CA PHE A 119 -10.74 -10.51 -5.63
C PHE A 119 -11.77 -9.39 -5.71
N ASP A 120 -12.34 -9.16 -6.90
CA ASP A 120 -13.52 -8.30 -7.05
C ASP A 120 -14.80 -9.09 -6.72
N GLU A 121 -15.95 -8.45 -6.89
CA GLU A 121 -17.22 -9.08 -6.54
C GLU A 121 -17.61 -10.24 -7.44
N GLN A 122 -17.26 -10.17 -8.72
CA GLN A 122 -17.44 -11.32 -9.61
C GLN A 122 -16.54 -12.51 -9.24
N GLY A 123 -15.69 -12.33 -8.23
CA GLY A 123 -14.72 -13.36 -7.87
C GLY A 123 -13.46 -13.43 -8.74
N ARG A 124 -13.29 -12.46 -9.63
CA ARG A 124 -12.07 -12.37 -10.44
C ARG A 124 -10.86 -11.84 -9.65
N ARG A 125 -9.69 -12.46 -9.85
CA ARG A 125 -8.45 -12.00 -9.22
C ARG A 125 -8.04 -10.64 -9.79
N CYS A 126 -7.99 -9.62 -8.94
N CYS A 126 -7.98 -9.61 -8.94
CA CYS A 126 -7.61 -8.28 -9.38
CA CYS A 126 -7.59 -8.29 -9.42
C CYS A 126 -6.18 -7.90 -8.99
C CYS A 126 -6.15 -7.93 -9.02
N CYS A 127 -5.68 -8.50 -7.91
CA CYS A 127 -4.34 -8.21 -7.43
C CYS A 127 -3.69 -9.39 -6.68
N THR A 128 -2.43 -9.69 -7.00
CA THR A 128 -1.67 -10.70 -6.27
C THR A 128 -0.46 -10.12 -5.52
N CYS A 129 -0.39 -10.45 -4.23
CA CYS A 129 0.59 -9.90 -3.30
C CYS A 129 1.31 -10.96 -2.49
N ARG A 130 2.53 -10.62 -2.06
CA ARG A 130 3.27 -11.49 -1.18
C ARG A 130 3.91 -10.64 -0.10
N LEU A 131 3.81 -11.08 1.16
CA LEU A 131 4.39 -10.32 2.26
C LEU A 131 5.37 -11.19 3.02
N GLY A 132 6.60 -10.71 3.14
CA GLY A 132 7.59 -11.31 4.03
C GLY A 132 7.50 -10.67 5.41
N THR A 133 7.60 -11.48 6.47
CA THR A 133 7.60 -10.92 7.82
C THR A 133 8.81 -11.40 8.61
N ALA A 134 9.06 -10.72 9.72
CA ALA A 134 10.14 -11.06 10.63
C ALA A 134 9.57 -11.34 12.01
N VAL A 135 9.98 -12.45 12.62
CA VAL A 135 9.61 -12.70 14.01
C VAL A 135 10.77 -12.30 14.91
N LEU A 136 10.46 -11.61 16.01
CA LEU A 136 11.47 -11.25 16.99
C LEU A 136 10.91 -11.34 18.40
N GLY A 137 11.67 -11.96 19.31
CA GLY A 137 12.94 -12.56 18.99
C GLY A 137 12.94 -14.06 19.20
N MET B 1 13.08 19.72 -18.65
CA MET B 1 12.89 18.68 -17.65
C MET B 1 12.44 17.37 -18.30
N ILE B 2 12.11 16.40 -17.47
CA ILE B 2 11.63 15.12 -17.98
C ILE B 2 10.15 15.18 -18.38
N TRP B 3 9.36 16.02 -17.71
CA TRP B 3 7.90 15.93 -17.81
C TRP B 3 7.36 16.34 -19.17
N LYS B 4 6.30 15.66 -19.61
CA LYS B 4 5.60 16.00 -20.84
C LYS B 4 4.43 16.94 -20.53
N ARG B 5 3.78 16.70 -19.40
CA ARG B 5 2.71 17.55 -18.91
C ARG B 5 3.29 18.56 -17.91
N HIS B 6 2.86 19.80 -17.99
CA HIS B 6 3.35 20.80 -17.04
C HIS B 6 2.25 21.27 -16.13
N LEU B 7 2.38 20.88 -14.87
CA LEU B 7 1.36 21.15 -13.87
C LEU B 7 2.01 21.76 -12.65
N THR B 8 1.22 22.53 -11.92
CA THR B 8 1.70 23.19 -10.71
C THR B 8 1.32 22.34 -9.50
N LEU B 9 1.99 22.60 -8.38
CA LEU B 9 1.72 21.85 -7.14
C LEU B 9 0.25 21.94 -6.76
N ASP B 10 -0.31 23.13 -6.88
CA ASP B 10 -1.73 23.36 -6.62
C ASP B 10 -2.59 22.44 -7.46
N GLU B 11 -2.28 22.36 -8.74
CA GLU B 11 -2.99 21.49 -9.66
C GLU B 11 -2.86 20.03 -9.24
N LEU B 12 -1.65 19.62 -8.85
CA LEU B 12 -1.41 18.24 -8.43
C LEU B 12 -2.24 17.90 -7.18
N ASN B 13 -2.19 18.77 -6.19
CA ASN B 13 -2.94 18.56 -4.96
C ASN B 13 -4.43 18.72 -5.17
N ALA B 14 -4.84 19.00 -6.40
CA ALA B 14 -6.25 19.18 -6.76
C ALA B 14 -6.86 17.92 -7.38
N THR B 15 -6.00 17.08 -7.96
CA THR B 15 -6.45 15.81 -8.51
C THR B 15 -6.80 14.89 -7.35
N SER B 16 -6.28 15.22 -6.17
CA SER B 16 -6.47 14.40 -4.98
C SER B 16 -7.93 14.24 -4.55
N ASP B 17 -8.83 14.90 -5.27
CA ASP B 17 -10.18 15.18 -4.77
C ASP B 17 -11.11 13.97 -4.47
N ASN B 18 -11.36 13.75 -3.17
CA ASN B 18 -12.15 12.62 -2.68
C ASN B 18 -11.58 11.28 -3.11
N THR B 19 -10.26 11.13 -3.01
CA THR B 19 -9.59 9.88 -3.31
C THR B 19 -8.87 9.41 -2.06
N MET B 20 -8.14 8.30 -2.21
CA MET B 20 -7.28 7.80 -1.14
C MET B 20 -6.12 8.76 -0.83
N VAL B 21 -5.70 9.53 -1.82
CA VAL B 21 -4.54 10.39 -1.66
C VAL B 21 -4.86 11.40 -0.58
N ALA B 22 -5.90 12.18 -0.85
CA ALA B 22 -6.45 13.10 0.12
C ALA B 22 -6.81 12.36 1.41
N HIS B 23 -7.46 11.21 1.26
CA HIS B 23 -7.97 10.49 2.42
C HIS B 23 -6.86 10.19 3.42
N LEU B 24 -5.64 10.00 2.90
CA LEU B 24 -4.47 9.67 3.74
C LEU B 24 -3.59 10.86 4.15
N GLY B 25 -4.01 12.09 3.84
CA GLY B 25 -3.25 13.27 4.24
C GLY B 25 -2.03 13.53 3.38
N ILE B 26 -1.90 12.78 2.28
CA ILE B 26 -0.79 12.97 1.33
C ILE B 26 -0.85 14.33 0.60
N VAL B 27 0.25 15.06 0.67
CA VAL B 27 0.38 16.35 -0.03
C VAL B 27 1.65 16.42 -0.90
N TYR B 28 1.48 16.76 -2.18
CA TYR B 28 2.63 16.92 -3.08
C TYR B 28 3.40 18.18 -2.70
N THR B 29 4.68 18.01 -2.35
CA THR B 29 5.44 19.07 -1.69
C THR B 29 6.53 19.66 -2.55
N ARG B 30 6.93 18.96 -3.59
CA ARG B 30 7.96 19.47 -4.49
C ARG B 30 7.88 18.85 -5.87
N LEU B 31 8.02 19.69 -6.90
CA LEU B 31 8.13 19.22 -8.27
C LEU B 31 9.37 19.84 -8.92
N GLY B 32 10.44 19.06 -8.99
CA GLY B 32 11.66 19.45 -9.68
C GLY B 32 11.71 18.95 -11.12
N ASP B 33 12.87 19.12 -11.75
CA ASP B 33 13.05 18.74 -13.15
C ASP B 33 12.81 17.26 -13.38
N ASP B 34 13.24 16.45 -12.41
CA ASP B 34 13.27 15.01 -12.58
C ASP B 34 12.93 14.29 -11.27
N VAL B 35 12.10 14.94 -10.46
CA VAL B 35 11.77 14.41 -9.15
C VAL B 35 10.42 14.97 -8.68
N LEU B 36 9.62 14.09 -8.08
CA LEU B 36 8.35 14.47 -7.50
C LEU B 36 8.38 14.06 -6.02
N GLU B 37 7.92 14.92 -5.12
CA GLU B 37 7.93 14.62 -3.69
C GLU B 37 6.58 14.87 -3.04
N ALA B 38 6.29 14.12 -1.99
CA ALA B 38 5.07 14.27 -1.21
C ALA B 38 5.35 13.92 0.24
N GLU B 39 4.59 14.53 1.14
CA GLU B 39 4.62 14.16 2.56
C GLU B 39 3.28 13.53 2.97
N MET B 40 3.28 12.85 4.11
CA MET B 40 2.13 12.09 4.59
C MET B 40 2.27 11.99 6.11
N PRO B 41 1.16 12.25 6.85
CA PRO B 41 1.18 12.22 8.32
C PRO B 41 1.36 10.83 8.93
N VAL B 42 1.98 10.77 10.11
CA VAL B 42 2.01 9.55 10.92
C VAL B 42 1.12 9.74 12.15
N ASP B 43 -0.18 9.53 11.97
CA ASP B 43 -1.12 9.59 13.08
C ASP B 43 -2.10 8.41 13.00
N THR B 44 -3.33 8.57 13.49
CA THR B 44 -4.28 7.47 13.52
C THR B 44 -4.80 7.10 12.12
N ARG B 45 -4.59 7.97 11.14
CA ARG B 45 -5.07 7.67 9.79
C ARG B 45 -4.16 6.66 9.09
N THR B 46 -2.92 6.57 9.56
CA THR B 46 -1.89 5.85 8.84
C THR B 46 -1.20 4.88 9.78
N HIS B 47 -1.80 4.66 10.94
CA HIS B 47 -1.25 3.76 11.96
C HIS B 47 -1.64 2.30 11.74
N GLN B 48 -0.87 1.42 12.36
CA GLN B 48 -1.26 0.03 12.55
C GLN B 48 -1.49 -0.15 14.06
N PRO B 49 -2.05 -1.32 14.51
CA PRO B 49 -2.49 -1.45 15.90
C PRO B 49 -1.45 -1.23 17.01
N PHE B 50 -0.16 -1.25 16.72
CA PHE B 50 0.87 -1.03 17.72
C PHE B 50 1.22 0.47 17.89
N GLY B 51 0.73 1.30 16.97
CA GLY B 51 1.04 2.73 17.01
C GLY B 51 2.13 3.22 16.06
N LEU B 52 2.63 2.33 15.21
CA LEU B 52 3.66 2.69 14.21
C LEU B 52 3.05 2.97 12.85
N LEU B 53 3.84 3.62 11.98
CA LEU B 53 3.42 3.81 10.61
C LEU B 53 3.10 2.44 9.99
N HIS B 54 1.88 2.29 9.52
CA HIS B 54 1.44 1.10 8.81
C HIS B 54 2.26 0.98 7.50
N GLY B 55 2.97 -0.13 7.32
CA GLY B 55 3.69 -0.41 6.08
C GLY B 55 2.87 -0.21 4.82
N GLY B 56 1.56 -0.42 4.94
CA GLY B 56 0.65 -0.22 3.83
C GLY B 56 0.52 1.24 3.43
N ALA B 57 0.73 2.15 4.39
CA ALA B 57 0.68 3.58 4.09
C ALA B 57 1.86 4.02 3.23
N SER B 58 3.07 3.57 3.59
CA SER B 58 4.27 3.85 2.78
C SER B 58 4.09 3.35 1.35
N ALA B 59 3.48 2.15 1.22
CA ALA B 59 3.20 1.55 -0.09
C ALA B 59 2.27 2.43 -0.90
N ALA B 60 1.17 2.84 -0.29
CA ALA B 60 0.20 3.68 -0.97
C ALA B 60 0.83 5.02 -1.36
N LEU B 61 1.63 5.59 -0.45
CA LEU B 61 2.39 6.79 -0.79
C LEU B 61 3.23 6.54 -2.04
N ALA B 62 3.86 5.38 -2.13
CA ALA B 62 4.76 5.11 -3.25
C ALA B 62 3.99 4.93 -4.56
N GLU B 63 2.90 4.17 -4.52
CA GLU B 63 2.08 4.03 -5.72
C GLU B 63 1.47 5.37 -6.18
N THR B 64 1.09 6.22 -5.23
CA THR B 64 0.60 7.56 -5.57
C THR B 64 1.67 8.32 -6.35
N LEU B 65 2.85 8.45 -5.76
CA LEU B 65 3.93 9.23 -6.36
C LEU B 65 4.36 8.72 -7.74
N GLY B 66 4.51 7.40 -7.86
CA GLY B 66 4.94 6.80 -9.11
C GLY B 66 3.91 6.95 -10.21
N SER B 67 2.64 6.89 -9.83
CA SER B 67 1.56 7.00 -10.79
C SER B 67 1.45 8.44 -11.29
N MET B 68 1.50 9.40 -10.37
CA MET B 68 1.36 10.81 -10.75
C MET B 68 2.53 11.22 -11.64
N ALA B 69 3.72 10.77 -11.26
CA ALA B 69 4.94 11.03 -12.05
C ALA B 69 4.77 10.44 -13.44
N GLY B 70 4.24 9.22 -13.49
CA GLY B 70 3.96 8.55 -14.74
C GLY B 70 2.99 9.35 -15.57
N PHE B 71 1.90 9.79 -14.94
CA PHE B 71 0.91 10.63 -15.61
C PHE B 71 1.51 11.86 -16.29
N MET B 72 2.39 12.59 -15.58
CA MET B 72 3.02 13.78 -16.16
C MET B 72 4.04 13.48 -17.25
N MET B 73 4.23 12.19 -17.54
CA MET B 73 5.13 11.78 -18.60
C MET B 73 4.36 11.39 -19.87
N THR B 74 3.05 11.62 -19.89
CA THR B 74 2.23 11.22 -21.03
C THR B 74 1.69 12.36 -21.88
N ARG B 75 1.47 12.07 -23.16
CA ARG B 75 0.87 13.02 -24.08
C ARG B 75 -0.61 13.14 -23.79
N ASP B 76 -1.29 14.00 -24.55
CA ASP B 76 -2.65 14.41 -24.21
C ASP B 76 -3.68 13.29 -24.30
N GLY B 77 -3.38 12.25 -25.06
CA GLY B 77 -4.32 11.17 -25.26
C GLY B 77 -3.89 9.86 -24.65
N GLN B 78 -3.34 9.93 -23.43
CA GLN B 78 -2.82 8.71 -22.78
C GLN B 78 -3.19 8.57 -21.30
N CYS B 79 -3.20 7.32 -20.85
CA CYS B 79 -3.43 6.99 -19.46
C CYS B 79 -2.21 6.26 -18.92
N VAL B 80 -1.96 6.37 -17.61
CA VAL B 80 -0.92 5.56 -16.95
C VAL B 80 -1.46 4.81 -15.73
N VAL B 81 -1.15 3.52 -15.67
CA VAL B 81 -1.63 2.67 -14.57
C VAL B 81 -0.48 1.95 -13.88
N GLY B 82 -0.54 1.85 -12.56
CA GLY B 82 0.43 1.07 -11.81
C GLY B 82 0.18 -0.41 -12.07
N THR B 83 1.23 -1.12 -12.47
CA THR B 83 1.08 -2.53 -12.69
C THR B 83 1.81 -3.35 -11.64
N GLU B 84 3.02 -2.93 -11.29
N GLU B 84 3.02 -2.93 -11.29
CA GLU B 84 3.84 -3.71 -10.38
CA GLU B 84 3.84 -3.71 -10.38
C GLU B 84 4.48 -2.86 -9.28
C GLU B 84 4.47 -2.86 -9.29
N LEU B 85 4.30 -3.27 -8.04
CA LEU B 85 4.84 -2.54 -6.89
C LEU B 85 5.57 -3.47 -5.94
N ASN B 86 6.70 -3.01 -5.42
CA ASN B 86 7.36 -3.71 -4.32
C ASN B 86 7.91 -2.70 -3.32
N ALA B 87 8.17 -3.15 -2.09
CA ALA B 87 8.57 -2.24 -1.03
C ALA B 87 9.31 -2.99 0.04
N THR B 88 10.40 -2.39 0.53
CA THR B 88 11.14 -2.99 1.62
C THR B 88 11.07 -2.02 2.78
N HIS B 89 10.63 -2.53 3.92
CA HIS B 89 10.54 -1.74 5.15
C HIS B 89 11.80 -1.93 5.97
N HIS B 90 12.60 -0.88 6.11
CA HIS B 90 13.88 -1.00 6.81
C HIS B 90 13.74 -0.60 8.29
N ARG B 91 12.98 0.46 8.54
CA ARG B 91 12.90 1.07 9.87
C ARG B 91 11.48 1.47 10.19
N PRO B 92 11.07 1.26 11.46
CA PRO B 92 9.71 1.67 11.83
C PRO B 92 9.67 3.17 12.00
N VAL B 93 8.47 3.75 11.94
CA VAL B 93 8.29 5.17 12.18
C VAL B 93 7.15 5.29 13.18
N SER B 94 7.46 5.83 14.36
CA SER B 94 6.50 5.90 15.45
C SER B 94 5.81 7.26 15.56
N GLU B 95 6.42 8.28 14.98
CA GLU B 95 5.98 9.65 15.16
C GLU B 95 6.37 10.57 14.01
N GLY B 96 5.58 11.61 13.81
CA GLY B 96 5.93 12.67 12.88
C GLY B 96 5.20 12.61 11.56
N LYS B 97 5.95 12.75 10.48
CA LYS B 97 5.41 12.59 9.15
C LYS B 97 6.52 12.08 8.25
N VAL B 98 6.17 11.50 7.11
CA VAL B 98 7.18 10.95 6.22
C VAL B 98 7.22 11.71 4.90
N ARG B 99 8.37 11.67 4.23
CA ARG B 99 8.51 12.29 2.91
C ARG B 99 8.86 11.21 1.90
N GLY B 100 8.13 11.21 0.79
CA GLY B 100 8.41 10.29 -0.30
C GLY B 100 9.13 11.02 -1.42
N VAL B 101 10.21 10.43 -1.91
CA VAL B 101 10.95 11.04 -3.02
C VAL B 101 10.98 10.12 -4.24
N CYS B 102 10.30 10.54 -5.31
CA CYS B 102 10.10 9.73 -6.50
C CYS B 102 10.97 10.19 -7.66
N GLN B 103 11.75 9.26 -8.23
CA GLN B 103 12.60 9.59 -9.37
C GLN B 103 12.48 8.51 -10.46
N PRO B 104 12.70 8.91 -11.73
CA PRO B 104 12.60 7.96 -12.84
C PRO B 104 13.74 6.95 -12.86
N LEU B 105 13.46 5.69 -13.19
CA LEU B 105 14.50 4.69 -13.42
C LEU B 105 14.55 4.34 -14.90
N HIS B 106 13.37 4.23 -15.50
CA HIS B 106 13.25 3.96 -16.92
C HIS B 106 11.98 4.64 -17.43
N LEU B 107 12.13 5.48 -18.43
CA LEU B 107 10.97 6.13 -19.04
C LEU B 107 10.77 5.63 -20.46
N GLY B 108 10.13 4.46 -20.57
CA GLY B 108 9.85 3.86 -21.87
C GLY B 108 8.58 4.43 -22.47
N ARG B 109 8.27 4.00 -23.69
CA ARG B 109 7.09 4.53 -24.38
C ARG B 109 5.84 3.70 -24.08
N GLN B 110 6.03 2.45 -23.65
CA GLN B 110 4.91 1.57 -23.34
C GLN B 110 4.81 1.32 -21.83
N ASN B 111 5.95 1.41 -21.16
CA ASN B 111 6.00 1.26 -19.71
C ASN B 111 7.20 1.95 -19.07
N GLN B 112 7.07 2.21 -17.76
CA GLN B 112 8.12 2.90 -17.03
C GLN B 112 8.40 2.24 -15.69
N SER B 113 9.53 2.61 -15.08
CA SER B 113 9.86 2.16 -13.74
C SER B 113 10.27 3.36 -12.86
N TRP B 114 9.70 3.45 -11.65
CA TRP B 114 9.97 4.57 -10.75
C TRP B 114 10.48 4.10 -9.39
N GLU B 115 11.44 4.84 -8.86
CA GLU B 115 11.96 4.62 -7.53
C GLU B 115 11.27 5.59 -6.58
N ILE B 116 10.82 5.10 -5.44
CA ILE B 116 10.28 5.99 -4.42
C ILE B 116 10.89 5.63 -3.09
N VAL B 117 11.67 6.55 -2.52
CA VAL B 117 12.26 6.34 -1.21
C VAL B 117 11.48 7.15 -0.18
N VAL B 118 11.22 6.54 0.97
CA VAL B 118 10.42 7.18 2.00
C VAL B 118 11.30 7.46 3.20
N PHE B 119 11.34 8.73 3.59
CA PHE B 119 12.17 9.21 4.69
C PHE B 119 11.30 9.65 5.86
N ASP B 120 11.77 9.42 7.08
CA ASP B 120 11.10 9.97 8.25
C ASP B 120 11.45 11.46 8.44
N GLU B 121 10.97 12.05 9.54
CA GLU B 121 11.20 13.48 9.76
C GLU B 121 12.63 13.78 10.21
N GLN B 122 13.46 12.75 10.31
CA GLN B 122 14.87 12.96 10.58
C GLN B 122 15.70 12.65 9.33
N GLY B 123 15.02 12.48 8.20
CA GLY B 123 15.68 12.26 6.93
C GLY B 123 16.27 10.87 6.83
N ARG B 124 15.86 10.00 7.73
CA ARG B 124 16.29 8.61 7.74
C ARG B 124 15.43 7.76 6.81
N ARG B 125 16.08 7.03 5.90
CA ARG B 125 15.39 6.12 4.98
C ARG B 125 14.69 5.00 5.75
N CYS B 126 13.37 4.89 5.57
N CYS B 126 13.37 4.89 5.57
CA CYS B 126 12.64 3.85 6.28
CA CYS B 126 12.63 3.84 6.28
C CYS B 126 12.02 2.82 5.33
C CYS B 126 12.01 2.83 5.33
N CYS B 127 11.92 3.19 4.06
CA CYS B 127 11.29 2.32 3.07
C CYS B 127 11.77 2.59 1.64
N THR B 128 12.17 1.52 0.93
CA THR B 128 12.49 1.60 -0.50
C THR B 128 11.47 0.83 -1.35
N CYS B 129 10.96 1.51 -2.37
CA CYS B 129 9.90 1.01 -3.21
C CYS B 129 10.26 1.20 -4.65
N ARG B 130 9.67 0.38 -5.50
CA ARG B 130 9.82 0.53 -6.93
C ARG B 130 8.44 0.27 -7.53
N LEU B 131 8.01 1.16 -8.43
CA LEU B 131 6.75 1.00 -9.15
C LEU B 131 6.96 0.92 -10.65
N GLY B 132 6.46 -0.17 -11.25
CA GLY B 132 6.37 -0.29 -12.69
C GLY B 132 4.99 0.20 -13.15
N THR B 133 4.96 0.99 -14.23
CA THR B 133 3.68 1.49 -14.73
C THR B 133 3.49 1.15 -16.19
N ALA B 134 2.24 1.23 -16.65
CA ALA B 134 1.86 0.98 -18.04
C ALA B 134 1.27 2.24 -18.67
N VAL B 135 1.77 2.56 -19.86
CA VAL B 135 1.24 3.66 -20.66
C VAL B 135 0.28 3.08 -21.70
N LEU B 136 -0.95 3.59 -21.75
CA LEU B 136 -1.98 3.02 -22.60
C LEU B 136 -2.45 3.98 -23.70
N GLY B 137 -2.37 3.53 -24.95
CA GLY B 137 -2.81 4.31 -26.09
C GLY B 137 -1.74 5.19 -26.69
#